data_7F9N
#
_entry.id   7F9N
#
_cell.length_a   73.435
_cell.length_b   73.435
_cell.length_c   341.046
_cell.angle_alpha   90.000
_cell.angle_beta   90.000
_cell.angle_gamma   90.000
#
_symmetry.space_group_name_H-M   'P 41 21 2'
#
loop_
_entity.id
_entity.type
_entity.pdbx_description
1 polymer Rifin
2 polymer 'Leukocyte-associated immunoglobulin-like receptor 1'
#
loop_
_entity_poly.entity_id
_entity_poly.type
_entity_poly.pdbx_seq_one_letter_code
_entity_poly.pdbx_strand_id
1 'polypeptide(L)'
;HMHHHHHHGGIGQLGLDVWKAAAIKAATEYALTEGAAKGLAAGNAHGMNIVIYHLKELLIDKLVPNICKTVSSTGDYTRV
INFSKLIIQKRGAMCGADGGTLSKDMCTQININLGTVLRNGKANLPDKEAVPKVLNRLVSQADKAANEVAKDTSQSVAVK
ITEQQTAAINATYTS
;
A,B
2 'polypeptide(L)'
;HMHHHHHHQEEDLPRPSISAEPGTVIPLGSHVTFVCRGPVGVQTFRLERESRSTYNDTEDVSQASPSESEARFRIDSVSE
GNAGPYRCIYYKPPKWSEQSDYLELLVKEAAA
;
C,D
#
# COMPACT_ATOMS: atom_id res chain seq x y z
N VAL A 18 43.20 -4.19 -35.48
CA VAL A 18 43.21 -2.75 -35.72
C VAL A 18 41.79 -2.19 -35.91
N TRP A 19 40.78 -2.70 -35.17
CA TRP A 19 39.40 -2.29 -35.38
C TRP A 19 38.84 -1.52 -34.19
N LYS A 20 37.89 -0.62 -34.49
CA LYS A 20 37.33 0.33 -33.53
C LYS A 20 36.09 -0.21 -32.81
N ALA A 21 35.88 -1.53 -32.82
CA ALA A 21 34.57 -2.06 -32.41
C ALA A 21 34.33 -1.87 -30.92
N ALA A 22 34.99 -2.68 -30.09
CA ALA A 22 34.81 -2.68 -28.64
C ALA A 22 34.98 -1.29 -28.04
N ALA A 23 35.80 -0.43 -28.63
CA ALA A 23 36.01 0.91 -28.10
C ALA A 23 34.73 1.71 -28.15
N ILE A 24 34.09 1.78 -29.32
CA ILE A 24 32.85 2.54 -29.44
C ILE A 24 31.80 2.04 -28.46
N LYS A 25 31.63 0.73 -28.37
CA LYS A 25 30.68 0.17 -27.44
C LYS A 25 30.97 0.62 -26.02
N ALA A 26 32.23 0.82 -25.68
CA ALA A 26 32.54 1.32 -24.34
C ALA A 26 32.35 2.83 -24.27
N ALA A 27 32.64 3.53 -25.36
CA ALA A 27 32.43 4.97 -25.33
C ALA A 27 30.95 5.32 -25.24
N THR A 28 30.07 4.53 -25.88
CA THR A 28 28.64 4.81 -25.74
C THR A 28 28.13 4.37 -24.37
N GLU A 29 28.56 3.22 -23.88
CA GLU A 29 28.25 2.83 -22.50
C GLU A 29 28.64 3.92 -21.51
N TYR A 30 29.89 4.36 -21.54
CA TYR A 30 30.25 5.50 -20.71
C TYR A 30 29.41 6.72 -21.05
N ALA A 31 28.95 6.82 -22.31
CA ALA A 31 28.16 7.98 -22.70
C ALA A 31 26.80 7.98 -22.01
N LEU A 32 26.18 6.81 -21.89
CA LEU A 32 24.85 6.75 -21.31
C LEU A 32 24.93 6.93 -19.80
N THR A 33 25.81 6.17 -19.15
CA THR A 33 25.79 6.19 -17.70
C THR A 33 26.15 7.57 -17.17
N GLU A 34 27.30 8.10 -17.53
CA GLU A 34 27.58 9.51 -17.21
C GLU A 34 26.42 10.41 -17.64
N GLY A 35 25.73 10.06 -18.73
CA GLY A 35 24.57 10.83 -19.14
C GLY A 35 23.44 10.79 -18.12
N ALA A 36 22.97 9.59 -17.79
CA ALA A 36 21.92 9.43 -16.79
C ALA A 36 22.33 10.05 -15.45
N ALA A 37 23.53 9.74 -14.98
CA ALA A 37 23.99 10.28 -13.71
C ALA A 37 23.94 11.80 -13.67
N LYS A 38 24.41 12.46 -14.73
CA LYS A 38 24.41 13.91 -14.70
C LYS A 38 23.00 14.46 -14.80
N GLY A 39 22.11 13.75 -15.49
CA GLY A 39 20.73 14.19 -15.58
C GLY A 39 20.03 14.14 -14.24
N LEU A 40 20.10 12.98 -13.58
CA LEU A 40 19.46 12.79 -12.30
C LEU A 40 19.83 13.87 -11.30
N ALA A 41 21.06 14.38 -11.33
CA ALA A 41 21.44 15.39 -10.36
C ALA A 41 20.84 16.74 -10.71
N ALA A 42 20.72 17.06 -12.01
CA ALA A 42 20.06 18.30 -12.37
C ALA A 42 18.55 18.20 -12.21
N GLY A 43 17.98 17.00 -12.41
CA GLY A 43 16.57 16.82 -12.15
C GLY A 43 16.23 17.06 -10.70
N ASN A 44 16.98 16.42 -9.80
CA ASN A 44 16.74 16.55 -8.37
C ASN A 44 16.92 17.99 -7.89
N ALA A 45 17.94 18.68 -8.37
CA ALA A 45 18.10 20.05 -7.94
C ALA A 45 17.04 20.96 -8.52
N HIS A 46 16.33 20.53 -9.56
CA HIS A 46 15.25 21.33 -10.13
C HIS A 46 13.96 21.12 -9.34
N GLY A 47 13.51 19.86 -9.25
CA GLY A 47 12.43 19.47 -8.38
C GLY A 47 12.49 20.27 -7.10
N MET A 48 13.68 20.35 -6.50
CA MET A 48 13.83 21.11 -5.26
C MET A 48 13.48 22.56 -5.46
N ASN A 49 13.86 23.16 -6.58
CA ASN A 49 13.55 24.58 -6.73
C ASN A 49 12.07 24.79 -7.00
N ILE A 50 11.42 23.82 -7.62
CA ILE A 50 9.98 23.90 -7.87
C ILE A 50 9.21 23.90 -6.55
N VAL A 51 9.45 22.87 -5.73
CA VAL A 51 8.87 22.78 -4.39
C VAL A 51 9.09 24.09 -3.65
N ILE A 52 10.35 24.44 -3.41
CA ILE A 52 10.75 25.76 -2.92
C ILE A 52 9.87 26.87 -3.49
N TYR A 53 9.63 26.85 -4.80
CA TYR A 53 8.93 27.98 -5.41
C TYR A 53 7.47 27.97 -5.03
N HIS A 54 6.82 26.82 -5.14
CA HIS A 54 5.42 26.73 -4.75
C HIS A 54 5.24 26.94 -3.23
N LEU A 55 6.09 26.32 -2.39
CA LEU A 55 6.03 26.58 -0.96
C LEU A 55 5.90 28.06 -0.65
N LYS A 56 6.41 28.94 -1.52
CA LYS A 56 6.15 30.34 -1.31
C LYS A 56 4.92 30.82 -2.07
N GLU A 57 4.64 30.27 -3.26
CA GLU A 57 3.44 30.68 -3.98
C GLU A 57 2.18 30.44 -3.13
N LEU A 58 2.09 29.27 -2.49
CA LEU A 58 1.00 28.85 -1.60
C LEU A 58 1.05 29.51 -0.22
N LEU A 59 1.90 30.48 0.03
CA LEU A 59 1.92 31.29 1.26
C LEU A 59 2.28 30.49 2.50
N ILE A 60 2.77 29.26 2.31
CA ILE A 60 3.28 28.48 3.43
C ILE A 60 4.47 29.12 4.12
N ASP A 61 5.22 30.02 3.46
CA ASP A 61 6.21 30.82 4.19
C ASP A 61 5.59 31.42 5.43
N LYS A 62 4.34 31.84 5.32
CA LYS A 62 3.71 32.54 6.42
C LYS A 62 3.33 31.58 7.54
N LEU A 63 3.01 30.33 7.22
CA LEU A 63 2.73 29.36 8.28
C LEU A 63 4.00 29.01 9.03
N VAL A 64 5.05 28.61 8.33
CA VAL A 64 6.35 28.40 8.97
C VAL A 64 7.43 29.11 8.17
N PRO A 65 8.11 30.09 8.75
CA PRO A 65 8.99 30.96 7.94
C PRO A 65 10.26 30.28 7.47
N ASN A 66 10.90 29.47 8.31
CA ASN A 66 12.14 28.81 7.90
C ASN A 66 11.82 27.48 7.24
N ILE A 67 10.83 27.52 6.35
CA ILE A 67 10.37 26.34 5.64
C ILE A 67 11.25 26.04 4.42
N CYS A 68 11.65 27.08 3.69
CA CYS A 68 12.44 26.87 2.50
C CYS A 68 13.84 26.38 2.86
N LYS A 69 14.53 27.07 3.79
CA LYS A 69 15.88 26.63 4.12
C LYS A 69 15.91 25.21 4.68
N THR A 70 14.86 24.76 5.35
CA THR A 70 15.00 23.41 5.90
C THR A 70 14.62 22.35 4.89
N VAL A 71 13.81 22.69 3.90
CA VAL A 71 13.67 21.75 2.79
C VAL A 71 14.88 21.85 1.86
N SER A 72 15.49 23.05 1.78
CA SER A 72 16.67 23.21 0.96
C SER A 72 17.84 22.41 1.50
N SER A 73 18.04 22.47 2.82
CA SER A 73 19.25 21.99 3.49
C SER A 73 19.09 20.52 3.76
N THR A 74 18.39 19.87 2.88
CA THR A 74 18.22 18.44 3.03
C THR A 74 18.10 17.73 1.70
N GLY A 75 18.20 18.42 0.57
CA GLY A 75 17.89 17.81 -0.72
C GLY A 75 16.60 17.01 -0.69
N ASP A 76 16.48 16.05 -1.60
CA ASP A 76 15.33 15.16 -1.69
C ASP A 76 14.02 15.92 -1.50
N TYR A 77 13.61 16.66 -2.53
CA TYR A 77 12.38 17.45 -2.53
C TYR A 77 11.19 16.66 -1.99
N THR A 78 11.13 15.35 -2.24
CA THR A 78 9.95 14.65 -1.73
C THR A 78 9.91 14.66 -0.21
N ARG A 79 10.93 15.18 0.48
CA ARG A 79 10.89 15.25 1.95
C ARG A 79 10.17 16.48 2.48
N VAL A 80 9.43 17.18 1.61
CA VAL A 80 8.52 18.22 2.06
C VAL A 80 7.27 17.62 2.70
N ILE A 81 6.90 16.39 2.36
CA ILE A 81 5.69 15.80 2.93
C ILE A 81 5.81 15.66 4.43
N ASN A 82 7.03 15.51 4.95
CA ASN A 82 7.23 15.36 6.39
C ASN A 82 6.74 16.56 7.17
N PHE A 83 6.63 17.72 6.53
CA PHE A 83 6.23 18.92 7.21
C PHE A 83 4.71 19.08 7.31
N SER A 84 3.93 18.06 6.95
CA SER A 84 2.50 18.29 6.84
C SER A 84 1.87 18.47 8.22
N LYS A 85 2.18 17.59 9.17
CA LYS A 85 1.60 17.78 10.51
C LYS A 85 2.03 19.11 11.11
N LEU A 86 3.26 19.53 10.85
CA LEU A 86 3.67 20.86 11.28
C LEU A 86 2.79 21.95 10.67
N ILE A 87 2.52 21.85 9.36
CA ILE A 87 1.72 22.87 8.70
C ILE A 87 0.32 22.90 9.28
N ILE A 88 -0.28 21.72 9.50
CA ILE A 88 -1.61 21.65 10.10
C ILE A 88 -1.61 22.39 11.43
N GLN A 89 -0.60 22.14 12.26
CA GLN A 89 -0.56 22.75 13.58
C GLN A 89 -0.54 24.27 13.50
N LYS A 90 0.29 24.83 12.62
CA LYS A 90 0.39 26.28 12.67
C LYS A 90 -0.69 26.98 11.86
N ARG A 91 -1.40 26.26 10.99
CA ARG A 91 -2.57 26.85 10.36
C ARG A 91 -3.61 27.14 11.43
N GLY A 92 -4.07 26.08 12.13
CA GLY A 92 -4.99 26.26 13.24
C GLY A 92 -4.50 27.27 14.27
N ALA A 93 -3.19 27.38 14.46
CA ALA A 93 -2.67 28.38 15.39
C ALA A 93 -2.91 29.80 14.88
N MET A 94 -2.53 30.09 13.63
CA MET A 94 -2.50 31.46 13.16
C MET A 94 -3.73 31.86 12.36
N CYS A 95 -4.60 30.91 12.03
CA CYS A 95 -5.88 31.23 11.41
C CYS A 95 -7.03 30.52 12.11
N GLY A 96 -6.95 30.36 13.44
CA GLY A 96 -8.01 29.69 14.16
C GLY A 96 -9.23 30.58 14.37
N ALA A 97 -10.24 30.02 15.07
CA ALA A 97 -11.46 30.76 15.38
C ALA A 97 -11.28 31.78 16.49
N ASP A 98 -10.15 31.73 17.21
CA ASP A 98 -9.83 32.79 18.15
C ASP A 98 -9.56 34.13 17.49
N GLY A 99 -9.43 34.18 16.17
CA GLY A 99 -9.10 35.41 15.48
C GLY A 99 -7.89 35.29 14.58
N GLY A 100 -6.93 34.50 15.04
CA GLY A 100 -5.73 34.24 14.27
C GLY A 100 -4.71 35.37 14.41
N THR A 101 -3.51 35.07 13.91
CA THR A 101 -2.36 35.95 13.96
C THR A 101 -2.24 36.80 12.72
N LEU A 102 -2.37 36.15 11.57
CA LEU A 102 -2.34 36.81 10.28
C LEU A 102 -3.67 37.52 10.05
N SER A 103 -3.74 38.26 8.94
CA SER A 103 -4.94 38.97 8.50
C SER A 103 -5.95 37.99 7.93
N LYS A 104 -7.20 38.45 7.85
CA LYS A 104 -8.26 37.58 7.36
C LYS A 104 -8.03 37.26 5.88
N ASP A 105 -7.40 38.19 5.14
CA ASP A 105 -7.23 38.01 3.70
C ASP A 105 -6.15 36.97 3.40
N MET A 106 -5.05 37.01 4.16
CA MET A 106 -4.12 35.88 4.16
C MET A 106 -4.84 34.57 4.42
N CYS A 107 -5.43 34.45 5.62
CA CYS A 107 -6.03 33.19 6.07
C CYS A 107 -6.98 32.64 5.02
N THR A 108 -7.89 33.48 4.53
CA THR A 108 -8.72 33.04 3.41
C THR A 108 -7.85 32.36 2.38
N GLN A 109 -6.81 33.07 1.89
CA GLN A 109 -5.99 32.52 0.80
C GLN A 109 -5.26 31.26 1.21
N ILE A 110 -4.62 31.28 2.38
CA ILE A 110 -3.94 30.09 2.90
C ILE A 110 -4.88 28.90 2.86
N ASN A 111 -6.11 29.09 3.38
CA ASN A 111 -7.09 28.01 3.41
C ASN A 111 -7.45 27.52 2.00
N ILE A 112 -7.61 28.43 1.04
CA ILE A 112 -7.86 27.93 -0.32
C ILE A 112 -6.66 27.15 -0.84
N ASN A 113 -5.44 27.67 -0.63
CA ASN A 113 -4.26 26.99 -1.16
C ASN A 113 -4.08 25.62 -0.51
N LEU A 114 -4.41 25.51 0.79
CA LEU A 114 -4.29 24.21 1.46
C LEU A 114 -5.40 23.25 1.07
N GLY A 115 -6.42 23.72 0.36
CA GLY A 115 -7.50 22.85 -0.06
C GLY A 115 -8.44 22.46 1.06
N THR A 116 -8.57 23.30 2.08
CA THR A 116 -9.47 23.05 3.19
C THR A 116 -10.80 23.78 3.08
N VAL A 117 -10.85 24.93 2.39
CA VAL A 117 -11.96 25.85 2.50
C VAL A 117 -12.52 26.30 1.17
N LEU A 118 -11.95 25.87 0.03
CA LEU A 118 -12.76 25.78 -1.18
C LEU A 118 -13.30 27.13 -1.67
N ARG A 119 -12.57 27.81 -2.55
CA ARG A 119 -12.76 29.20 -2.97
C ARG A 119 -14.12 29.86 -2.66
N ASN A 120 -15.23 29.29 -3.14
CA ASN A 120 -16.53 29.94 -3.04
C ASN A 120 -17.14 29.90 -1.64
N GLY A 121 -16.45 29.36 -0.65
CA GLY A 121 -16.88 29.58 0.72
C GLY A 121 -17.00 28.33 1.55
N LYS A 122 -17.64 27.29 1.00
CA LYS A 122 -17.95 26.08 1.73
C LYS A 122 -16.69 25.26 2.02
N ALA A 123 -16.79 24.32 2.96
CA ALA A 123 -15.63 23.58 3.40
C ALA A 123 -15.20 22.63 2.32
N ASN A 124 -13.90 22.32 2.30
CA ASN A 124 -13.33 21.47 1.27
C ASN A 124 -12.96 20.10 1.84
N LEU A 125 -11.86 19.98 2.58
CA LEU A 125 -11.71 18.74 3.32
C LEU A 125 -10.85 18.98 4.54
N PRO A 126 -11.01 18.14 5.60
CA PRO A 126 -10.76 18.61 6.95
C PRO A 126 -9.32 18.87 7.35
N ASP A 127 -8.49 19.56 6.55
CA ASP A 127 -7.31 20.15 7.15
C ASP A 127 -6.28 19.08 7.50
N LYS A 128 -6.74 17.85 7.63
CA LYS A 128 -5.89 16.70 7.92
C LYS A 128 -5.68 15.85 6.71
N GLU A 129 -6.67 15.83 5.82
CA GLU A 129 -6.55 15.18 4.53
C GLU A 129 -5.98 16.13 3.48
N ALA A 130 -6.29 17.41 3.60
CA ALA A 130 -5.92 18.39 2.58
C ALA A 130 -4.43 18.62 2.57
N VAL A 131 -3.87 18.96 3.73
CA VAL A 131 -2.46 19.31 3.77
C VAL A 131 -1.58 18.25 3.12
N PRO A 132 -1.58 16.99 3.53
CA PRO A 132 -0.80 16.00 2.78
C PRO A 132 -1.23 15.91 1.32
N LYS A 133 -2.50 16.11 1.01
CA LYS A 133 -2.94 16.00 -0.37
C LYS A 133 -2.28 17.04 -1.26
N VAL A 134 -2.22 18.30 -0.81
CA VAL A 134 -1.60 19.29 -1.68
C VAL A 134 -0.09 19.09 -1.73
N LEU A 135 0.53 18.66 -0.63
CA LEU A 135 1.96 18.40 -0.65
C LEU A 135 2.30 17.26 -1.60
N ASN A 136 1.54 16.16 -1.56
CA ASN A 136 1.82 15.07 -2.49
C ASN A 136 1.54 15.49 -3.93
N ARG A 137 0.46 16.23 -4.16
CA ARG A 137 0.23 16.81 -5.48
C ARG A 137 1.46 17.60 -5.92
N LEU A 138 2.06 18.31 -4.98
CA LEU A 138 3.14 19.24 -5.28
C LEU A 138 4.43 18.50 -5.66
N VAL A 139 4.80 17.45 -4.88
CA VAL A 139 5.98 16.65 -5.23
C VAL A 139 5.73 15.88 -6.52
N SER A 140 4.55 15.29 -6.68
CA SER A 140 4.21 14.70 -7.97
C SER A 140 4.29 15.73 -9.08
N GLN A 141 4.11 17.02 -8.78
CA GLN A 141 4.26 18.06 -9.78
C GLN A 141 5.74 18.34 -10.09
N ALA A 142 6.61 18.23 -9.08
CA ALA A 142 8.05 18.37 -9.33
C ALA A 142 8.68 17.08 -9.83
N ASP A 143 8.08 15.92 -9.54
CA ASP A 143 8.53 14.68 -10.16
C ASP A 143 8.47 14.79 -11.67
N LYS A 144 7.32 15.20 -12.19
CA LYS A 144 7.17 15.40 -13.62
C LYS A 144 8.21 16.39 -14.15
N ALA A 145 8.47 17.46 -13.42
CA ALA A 145 9.42 18.45 -13.86
C ALA A 145 10.86 18.00 -13.66
N ALA A 146 11.08 17.08 -12.73
CA ALA A 146 12.42 16.54 -12.55
C ALA A 146 12.71 15.49 -13.59
N ASN A 147 11.78 14.54 -13.79
CA ASN A 147 11.97 13.55 -14.85
C ASN A 147 12.06 14.18 -16.22
N GLU A 148 11.79 15.47 -16.34
CA GLU A 148 11.89 16.09 -17.66
C GLU A 148 13.29 16.68 -17.88
N VAL A 149 13.74 17.53 -16.97
CA VAL A 149 15.11 18.02 -16.96
C VAL A 149 16.13 16.88 -16.86
N ALA A 150 15.79 15.80 -16.16
CA ALA A 150 16.68 14.64 -16.14
C ALA A 150 16.87 14.07 -17.55
N LYS A 151 15.77 13.64 -18.18
CA LYS A 151 15.82 13.08 -19.54
C LYS A 151 16.56 14.01 -20.48
N ASP A 152 16.38 15.31 -20.27
CA ASP A 152 16.90 16.32 -21.19
C ASP A 152 18.41 16.44 -21.11
N THR A 153 18.93 16.75 -19.93
CA THR A 153 20.39 16.84 -19.81
C THR A 153 21.05 15.46 -19.95
N SER A 154 20.31 14.37 -19.77
CA SER A 154 20.86 13.05 -20.04
C SER A 154 21.19 12.90 -21.51
N GLN A 155 20.26 13.26 -22.39
CA GLN A 155 20.56 13.22 -23.81
C GLN A 155 21.59 14.28 -24.18
N SER A 156 21.51 15.46 -23.56
CA SER A 156 22.38 16.56 -23.95
C SER A 156 23.84 16.34 -23.53
N VAL A 157 24.08 15.60 -22.45
CA VAL A 157 25.45 15.35 -22.07
C VAL A 157 26.01 14.09 -22.73
N ALA A 158 25.15 13.11 -23.04
CA ALA A 158 25.65 11.93 -23.73
C ALA A 158 26.00 12.26 -25.17
N VAL A 159 25.19 13.09 -25.82
CA VAL A 159 25.54 13.54 -27.17
C VAL A 159 26.91 14.20 -27.17
N LYS A 160 27.11 15.20 -26.31
CA LYS A 160 28.34 15.97 -26.37
C LYS A 160 29.54 15.15 -25.93
N ILE A 161 29.33 14.10 -25.16
CA ILE A 161 30.49 13.28 -24.85
C ILE A 161 30.52 12.06 -25.77
N THR A 162 29.39 11.54 -26.24
CA THR A 162 29.48 10.51 -27.28
C THR A 162 30.05 11.08 -28.58
N GLU A 163 30.08 12.40 -28.70
CA GLU A 163 30.71 13.10 -29.80
C GLU A 163 32.17 13.37 -29.52
N GLN A 164 32.47 13.94 -28.35
CA GLN A 164 33.86 14.21 -28.00
C GLN A 164 34.71 12.94 -28.06
N GLN A 165 34.18 11.82 -27.57
CA GLN A 165 34.91 10.56 -27.68
C GLN A 165 35.16 10.21 -29.12
N THR A 166 34.10 10.01 -29.89
CA THR A 166 34.27 9.53 -31.26
C THR A 166 35.19 10.45 -32.05
N ALA A 167 35.14 11.77 -31.81
CA ALA A 167 36.13 12.68 -32.37
C ALA A 167 37.55 12.35 -31.91
N ALA A 168 37.72 11.79 -30.73
CA ALA A 168 39.04 11.40 -30.28
C ALA A 168 39.39 9.97 -30.64
N ILE A 169 38.41 9.08 -30.85
CA ILE A 169 38.79 7.76 -31.33
C ILE A 169 39.19 7.82 -32.79
N ASN A 170 38.53 8.65 -33.60
CA ASN A 170 38.88 8.72 -35.01
C ASN A 170 40.29 9.25 -35.21
N ALA A 171 40.68 10.29 -34.46
CA ALA A 171 42.06 10.75 -34.48
C ALA A 171 43.04 9.71 -33.94
N THR A 172 42.59 8.79 -33.11
CA THR A 172 43.46 7.69 -32.71
C THR A 172 43.66 6.71 -33.85
N TYR A 173 42.69 6.57 -34.74
CA TYR A 173 42.77 5.53 -35.75
C TYR A 173 43.63 5.97 -36.92
N THR A 174 43.42 7.19 -37.40
CA THR A 174 44.16 7.70 -38.54
C THR A 174 45.68 7.54 -38.39
N SER A 175 46.16 7.32 -37.18
CA SER A 175 47.59 7.12 -37.01
C SER A 175 47.88 5.81 -36.25
N VAL B 18 25.01 23.08 -39.34
CA VAL B 18 24.46 21.80 -39.77
C VAL B 18 24.77 20.74 -38.72
N TRP B 19 24.89 21.18 -37.48
CA TRP B 19 25.38 20.30 -36.42
C TRP B 19 24.38 19.17 -36.18
N LYS B 20 24.90 17.95 -36.22
CA LYS B 20 24.19 16.70 -35.98
C LYS B 20 23.77 16.50 -34.52
N ALA B 21 24.01 17.48 -33.64
CA ALA B 21 23.65 17.32 -32.24
C ALA B 21 22.15 17.13 -32.07
N ALA B 22 21.34 17.68 -32.97
CA ALA B 22 19.90 17.51 -32.84
C ALA B 22 19.48 16.10 -33.22
N ALA B 23 20.12 15.52 -34.22
CA ALA B 23 19.76 14.18 -34.65
C ALA B 23 20.19 13.12 -33.64
N ILE B 24 21.27 13.35 -32.90
CA ILE B 24 21.72 12.29 -32.00
C ILE B 24 20.83 12.23 -30.76
N LYS B 25 20.35 13.39 -30.28
CA LYS B 25 19.41 13.38 -29.17
C LYS B 25 18.18 12.56 -29.52
N ALA B 26 17.67 12.72 -30.74
CA ALA B 26 16.54 11.95 -31.19
C ALA B 26 16.87 10.49 -31.39
N ALA B 27 18.14 10.10 -31.43
CA ALA B 27 18.42 8.68 -31.56
C ALA B 27 18.64 8.00 -30.21
N THR B 28 19.49 8.58 -29.36
CA THR B 28 19.62 8.03 -28.01
C THR B 28 18.27 7.91 -27.34
N GLU B 29 17.43 8.94 -27.45
CA GLU B 29 16.12 8.85 -26.84
C GLU B 29 15.29 7.75 -27.49
N TYR B 30 15.34 7.60 -28.81
CA TYR B 30 14.76 6.42 -29.43
C TYR B 30 15.44 5.14 -28.95
N ALA B 31 16.75 5.19 -28.72
CA ALA B 31 17.44 4.04 -28.15
C ALA B 31 16.92 3.73 -26.75
N LEU B 32 16.78 4.76 -25.92
CA LEU B 32 16.37 4.57 -24.53
C LEU B 32 14.96 3.97 -24.44
N THR B 33 14.01 4.52 -25.20
CA THR B 33 12.66 3.97 -25.16
C THR B 33 12.62 2.57 -25.80
N GLU B 34 13.20 2.40 -26.98
CA GLU B 34 13.20 1.08 -27.59
C GLU B 34 13.89 0.05 -26.69
N GLY B 35 14.80 0.51 -25.83
CA GLY B 35 15.43 -0.40 -24.89
C GLY B 35 14.52 -0.74 -23.73
N ALA B 36 13.98 0.28 -23.07
CA ALA B 36 13.10 0.05 -21.92
C ALA B 36 11.94 -0.85 -22.31
N ALA B 37 11.30 -0.59 -23.45
CA ALA B 37 10.30 -1.51 -23.96
C ALA B 37 10.86 -2.92 -24.07
N LYS B 38 11.92 -3.11 -24.87
CA LYS B 38 12.43 -4.47 -25.07
C LYS B 38 12.85 -5.10 -23.74
N GLY B 39 13.34 -4.30 -22.80
CA GLY B 39 13.77 -4.87 -21.53
C GLY B 39 12.60 -5.38 -20.70
N LEU B 40 11.59 -4.54 -20.51
CA LEU B 40 10.39 -4.98 -19.81
C LEU B 40 9.77 -6.20 -20.49
N ALA B 41 9.71 -6.19 -21.82
CA ALA B 41 9.23 -7.37 -22.54
C ALA B 41 9.96 -8.62 -22.07
N ALA B 42 11.29 -8.59 -22.10
CA ALA B 42 12.05 -9.78 -21.73
C ALA B 42 11.95 -10.08 -20.24
N GLY B 43 11.86 -9.06 -19.40
CA GLY B 43 11.77 -9.31 -17.97
C GLY B 43 10.48 -10.02 -17.62
N ASN B 44 9.37 -9.40 -18.01
CA ASN B 44 8.05 -9.99 -17.86
C ASN B 44 7.99 -11.41 -18.42
N ALA B 45 8.75 -11.69 -19.47
CA ALA B 45 8.69 -13.02 -20.05
C ALA B 45 9.42 -14.03 -19.19
N HIS B 46 10.57 -13.63 -18.65
CA HIS B 46 11.40 -14.55 -17.87
C HIS B 46 10.75 -14.85 -16.52
N GLY B 47 10.17 -13.83 -15.89
CA GLY B 47 9.44 -14.06 -14.66
C GLY B 47 8.28 -15.03 -14.82
N MET B 48 7.64 -15.02 -15.98
CA MET B 48 6.65 -16.05 -16.26
C MET B 48 7.30 -17.43 -16.29
N ASN B 49 8.45 -17.56 -16.97
CA ASN B 49 9.10 -18.85 -17.10
C ASN B 49 9.44 -19.48 -15.75
N ILE B 50 9.73 -18.66 -14.75
CA ILE B 50 10.14 -19.25 -13.48
C ILE B 50 8.96 -19.54 -12.58
N VAL B 51 7.92 -18.70 -12.59
CA VAL B 51 6.76 -19.07 -11.79
C VAL B 51 6.04 -20.24 -12.41
N ILE B 52 6.10 -20.41 -13.73
CA ILE B 52 5.51 -21.64 -14.26
C ILE B 52 6.40 -22.82 -13.93
N TYR B 53 7.69 -22.61 -13.73
CA TYR B 53 8.55 -23.74 -13.46
C TYR B 53 8.38 -24.20 -12.02
N HIS B 54 8.33 -23.25 -11.09
CA HIS B 54 8.12 -23.58 -9.70
C HIS B 54 6.73 -24.12 -9.43
N LEU B 55 5.71 -23.62 -10.16
CA LEU B 55 4.39 -24.23 -10.06
C LEU B 55 4.46 -25.72 -10.33
N LYS B 56 5.11 -26.11 -11.43
CA LYS B 56 5.34 -27.52 -11.67
C LYS B 56 6.12 -28.15 -10.52
N GLU B 57 7.21 -27.50 -10.12
CA GLU B 57 8.11 -28.13 -9.17
C GLU B 57 7.43 -28.38 -7.85
N LEU B 58 6.77 -27.36 -7.30
CA LEU B 58 6.02 -27.46 -6.06
C LEU B 58 4.78 -28.35 -6.18
N LEU B 59 4.50 -28.87 -7.37
CA LEU B 59 3.40 -29.81 -7.65
C LEU B 59 2.02 -29.23 -7.35
N ILE B 60 1.88 -27.91 -7.40
CA ILE B 60 0.57 -27.29 -7.60
C ILE B 60 0.03 -27.63 -8.98
N ASP B 61 0.92 -28.00 -9.90
CA ASP B 61 0.52 -28.50 -11.20
C ASP B 61 -0.52 -29.61 -11.07
N LYS B 62 -0.47 -30.37 -9.97
CA LYS B 62 -1.38 -31.48 -9.77
C LYS B 62 -2.55 -31.13 -8.85
N LEU B 63 -2.41 -30.13 -7.99
CA LEU B 63 -3.58 -29.66 -7.26
C LEU B 63 -4.59 -29.04 -8.23
N VAL B 64 -4.15 -28.03 -8.98
CA VAL B 64 -4.98 -27.41 -10.01
C VAL B 64 -4.42 -27.82 -11.37
N PRO B 65 -5.13 -28.67 -12.12
CA PRO B 65 -4.51 -29.27 -13.33
C PRO B 65 -4.09 -28.26 -14.37
N ASN B 66 -4.94 -27.29 -14.67
CA ASN B 66 -4.68 -26.29 -15.71
C ASN B 66 -4.51 -24.95 -15.02
N ILE B 67 -3.31 -24.74 -14.48
CA ILE B 67 -2.92 -23.43 -13.97
C ILE B 67 -1.69 -22.92 -14.68
N CYS B 68 -0.88 -23.79 -15.27
CA CYS B 68 0.27 -23.33 -16.04
C CYS B 68 -0.18 -22.50 -17.23
N LYS B 69 -1.11 -23.01 -18.04
CA LYS B 69 -1.59 -22.17 -19.13
C LYS B 69 -2.59 -21.13 -18.65
N THR B 70 -3.26 -21.35 -17.52
CA THR B 70 -4.12 -20.30 -17.00
C THR B 70 -3.31 -19.05 -16.67
N VAL B 71 -2.14 -19.21 -16.05
CA VAL B 71 -1.33 -18.04 -15.70
C VAL B 71 -0.47 -17.59 -16.89
N SER B 72 0.00 -18.50 -17.75
CA SER B 72 0.76 -18.03 -18.90
C SER B 72 -0.10 -17.17 -19.81
N SER B 73 -1.39 -17.49 -19.88
CA SER B 73 -2.32 -16.72 -20.70
C SER B 73 -2.80 -15.50 -19.93
N THR B 74 -2.02 -15.02 -18.99
CA THR B 74 -2.38 -13.75 -18.38
C THR B 74 -1.29 -12.68 -18.45
N GLY B 75 -0.11 -12.99 -18.98
CA GLY B 75 1.01 -12.08 -18.76
C GLY B 75 1.24 -11.98 -17.27
N ASP B 76 1.70 -10.81 -16.81
CA ASP B 76 1.73 -10.44 -15.39
C ASP B 76 1.69 -11.64 -14.44
N TYR B 77 2.77 -12.43 -14.42
CA TYR B 77 2.87 -13.58 -13.53
C TYR B 77 2.51 -13.25 -12.08
N THR B 78 2.57 -11.96 -11.71
CA THR B 78 2.14 -11.55 -10.37
C THR B 78 0.71 -11.96 -10.06
N ARG B 79 -0.08 -12.28 -11.08
CA ARG B 79 -1.46 -12.67 -10.83
C ARG B 79 -1.60 -14.11 -10.35
N VAL B 80 -0.51 -14.83 -10.15
CA VAL B 80 -0.63 -16.17 -9.58
C VAL B 80 -1.05 -16.11 -8.11
N ILE B 81 -0.85 -14.97 -7.44
CA ILE B 81 -1.34 -14.82 -6.07
C ILE B 81 -2.86 -15.02 -6.02
N ASN B 82 -3.56 -14.69 -7.11
CA ASN B 82 -5.02 -14.67 -7.10
C ASN B 82 -5.63 -16.04 -6.80
N PHE B 83 -4.92 -17.12 -7.15
CA PHE B 83 -5.40 -18.49 -6.98
C PHE B 83 -5.02 -19.08 -5.63
N SER B 84 -4.59 -18.27 -4.68
CA SER B 84 -4.30 -18.80 -3.35
C SER B 84 -5.53 -19.46 -2.76
N LYS B 85 -6.69 -18.80 -2.85
CA LYS B 85 -7.86 -19.41 -2.24
C LYS B 85 -8.39 -20.58 -3.07
N LEU B 86 -8.17 -20.58 -4.39
CA LEU B 86 -8.59 -21.74 -5.15
C LEU B 86 -7.83 -22.99 -4.73
N ILE B 87 -6.51 -22.88 -4.59
CA ILE B 87 -5.77 -24.10 -4.30
C ILE B 87 -6.00 -24.51 -2.83
N ILE B 88 -6.28 -23.55 -1.93
CA ILE B 88 -6.58 -23.95 -0.54
C ILE B 88 -7.82 -24.82 -0.49
N GLN B 89 -8.86 -24.42 -1.21
CA GLN B 89 -9.99 -25.32 -1.42
C GLN B 89 -9.53 -26.61 -2.10
N LYS B 90 -8.77 -26.51 -3.19
CA LYS B 90 -8.35 -27.70 -3.92
C LYS B 90 -7.49 -28.64 -3.08
N ARG B 91 -6.85 -28.16 -2.03
CA ARG B 91 -6.03 -29.04 -1.21
C ARG B 91 -6.87 -29.77 -0.19
N GLY B 92 -7.78 -29.05 0.47
CA GLY B 92 -8.71 -29.63 1.42
C GLY B 92 -9.74 -30.54 0.79
N ALA B 93 -9.78 -30.61 -0.53
CA ALA B 93 -10.63 -31.58 -1.19
C ALA B 93 -9.84 -32.75 -1.72
N MET B 94 -8.63 -32.50 -2.22
CA MET B 94 -7.83 -33.55 -2.84
C MET B 94 -6.96 -34.29 -1.83
N CYS B 95 -6.55 -33.59 -0.77
CA CYS B 95 -5.88 -34.21 0.37
C CYS B 95 -6.62 -33.86 1.65
N GLY B 96 -7.95 -34.00 1.63
CA GLY B 96 -8.73 -33.75 2.82
C GLY B 96 -8.76 -34.96 3.73
N ALA B 97 -9.30 -34.76 4.92
CA ALA B 97 -9.44 -35.88 5.85
C ALA B 97 -10.28 -37.02 5.26
N ASP B 98 -10.89 -36.82 4.09
CA ASP B 98 -11.69 -37.78 3.33
C ASP B 98 -10.90 -38.87 2.78
N GLY B 99 -9.66 -39.00 3.23
CA GLY B 99 -8.68 -39.83 2.56
C GLY B 99 -8.06 -39.19 1.34
N GLY B 100 -8.70 -38.16 0.77
CA GLY B 100 -8.17 -37.48 -0.39
C GLY B 100 -8.16 -38.35 -1.64
N THR B 101 -7.92 -37.75 -2.80
CA THR B 101 -7.97 -38.51 -4.06
C THR B 101 -6.62 -38.58 -4.76
N LEU B 102 -5.57 -38.06 -4.15
CA LEU B 102 -4.20 -38.28 -4.58
C LEU B 102 -3.52 -39.26 -3.63
N SER B 103 -2.46 -39.89 -4.14
CA SER B 103 -1.68 -40.81 -3.31
C SER B 103 -1.21 -40.11 -2.04
N LYS B 104 -0.96 -40.92 -1.00
CA LYS B 104 -0.53 -40.34 0.27
C LYS B 104 0.84 -39.69 0.17
N ASP B 105 1.73 -40.23 -0.67
CA ASP B 105 3.09 -39.68 -0.75
C ASP B 105 3.11 -38.39 -1.56
N MET B 106 2.16 -38.18 -2.46
CA MET B 106 2.10 -36.88 -3.09
C MET B 106 1.44 -35.87 -2.18
N CYS B 107 0.32 -36.24 -1.56
CA CYS B 107 -0.33 -35.34 -0.63
C CYS B 107 0.63 -34.91 0.47
N THR B 108 1.61 -35.76 0.79
CA THR B 108 2.61 -35.36 1.77
C THR B 108 3.60 -34.38 1.16
N GLN B 109 3.96 -34.57 -0.11
CA GLN B 109 4.86 -33.62 -0.76
C GLN B 109 4.13 -32.33 -1.11
N ILE B 110 2.84 -32.43 -1.45
CA ILE B 110 2.06 -31.23 -1.72
C ILE B 110 1.98 -30.37 -0.47
N ASN B 111 1.85 -31.01 0.70
CA ASN B 111 1.68 -30.25 1.92
C ASN B 111 2.96 -29.55 2.35
N ILE B 112 4.12 -30.11 2.08
CA ILE B 112 5.37 -29.47 2.52
C ILE B 112 5.74 -28.34 1.57
N ASN B 113 5.62 -28.58 0.24
CA ASN B 113 5.81 -27.48 -0.70
C ASN B 113 4.93 -26.29 -0.33
N LEU B 114 3.68 -26.52 0.05
CA LEU B 114 2.80 -25.44 0.48
C LEU B 114 3.14 -24.92 1.88
N GLY B 115 4.11 -25.53 2.55
CA GLY B 115 4.52 -25.03 3.84
C GLY B 115 3.40 -25.13 4.85
N THR B 116 2.79 -26.30 4.94
CA THR B 116 1.66 -26.52 5.82
C THR B 116 1.81 -27.73 6.73
N VAL B 117 2.72 -28.68 6.43
CA VAL B 117 2.87 -29.89 7.22
C VAL B 117 4.35 -30.20 7.50
N LEU B 118 5.27 -29.34 7.04
CA LEU B 118 6.57 -29.25 7.70
C LEU B 118 7.32 -30.59 7.74
N ARG B 119 8.14 -30.87 6.75
CA ARG B 119 9.04 -32.04 6.63
C ARG B 119 9.00 -33.07 7.76
N ASN B 120 9.35 -32.71 8.99
CA ASN B 120 9.51 -33.72 10.04
C ASN B 120 8.19 -34.39 10.47
N GLY B 121 7.08 -33.67 10.49
CA GLY B 121 5.83 -34.33 10.77
C GLY B 121 4.78 -33.45 11.42
N LYS B 122 5.22 -32.52 12.27
CA LYS B 122 4.32 -31.63 12.99
C LYS B 122 3.82 -30.55 12.02
N ALA B 123 3.04 -29.58 12.52
CA ALA B 123 2.31 -28.67 11.67
C ALA B 123 3.04 -27.35 11.50
N ASN B 124 2.86 -26.74 10.32
CA ASN B 124 3.55 -25.50 9.99
C ASN B 124 2.61 -24.29 10.06
N LEU B 125 1.73 -24.14 9.05
CA LEU B 125 0.88 -22.96 8.93
C LEU B 125 -0.53 -23.36 8.53
N PRO B 126 -1.53 -22.72 9.14
CA PRO B 126 -2.91 -23.22 9.01
C PRO B 126 -3.52 -23.08 7.64
N ASP B 127 -2.74 -23.37 6.58
CA ASP B 127 -3.27 -23.60 5.25
C ASP B 127 -3.79 -22.34 4.58
N LYS B 128 -4.16 -21.32 5.36
CA LYS B 128 -4.62 -20.08 4.76
C LYS B 128 -3.64 -18.93 4.90
N GLU B 129 -2.76 -18.95 5.91
CA GLU B 129 -1.57 -18.11 5.87
C GLU B 129 -0.51 -18.73 4.98
N ALA B 130 -0.55 -20.05 4.83
CA ALA B 130 0.57 -20.78 4.23
C ALA B 130 0.63 -20.60 2.72
N VAL B 131 -0.49 -20.83 2.03
CA VAL B 131 -0.53 -20.72 0.59
C VAL B 131 -0.17 -19.30 0.16
N PRO B 132 -0.94 -18.26 0.55
CA PRO B 132 -0.54 -16.88 0.23
C PRO B 132 0.96 -16.68 0.32
N LYS B 133 1.55 -17.16 1.42
CA LYS B 133 2.98 -16.93 1.65
C LYS B 133 3.84 -17.55 0.56
N VAL B 134 3.52 -18.77 0.15
CA VAL B 134 4.36 -19.46 -0.82
C VAL B 134 4.34 -18.73 -2.15
N LEU B 135 3.16 -18.22 -2.54
CA LEU B 135 3.11 -17.55 -3.83
C LEU B 135 3.72 -16.16 -3.77
N ASN B 136 3.56 -15.44 -2.66
CA ASN B 136 4.21 -14.13 -2.55
C ASN B 136 5.72 -14.25 -2.64
N ARG B 137 6.31 -15.27 -2.01
CA ARG B 137 7.75 -15.43 -2.19
C ARG B 137 8.05 -15.95 -3.58
N LEU B 138 7.13 -16.68 -4.18
CA LEU B 138 7.39 -17.11 -5.55
C LEU B 138 7.42 -15.93 -6.51
N VAL B 139 6.49 -14.98 -6.34
CA VAL B 139 6.53 -13.79 -7.19
C VAL B 139 7.68 -12.89 -6.76
N SER B 140 7.96 -12.82 -5.46
CA SER B 140 9.15 -12.06 -5.05
C SER B 140 10.40 -12.68 -5.66
N GLN B 141 10.55 -14.00 -5.53
CA GLN B 141 11.63 -14.70 -6.23
C GLN B 141 11.58 -14.41 -7.72
N ALA B 142 10.42 -14.02 -8.25
CA ALA B 142 10.30 -13.76 -9.68
C ALA B 142 10.58 -12.31 -10.03
N ASP B 143 10.09 -11.37 -9.21
CA ASP B 143 10.40 -9.95 -9.44
C ASP B 143 11.90 -9.73 -9.54
N LYS B 144 12.63 -10.21 -8.54
CA LYS B 144 14.08 -10.02 -8.52
C LYS B 144 14.70 -10.46 -9.84
N ALA B 145 14.40 -11.68 -10.30
CA ALA B 145 15.03 -12.18 -11.52
C ALA B 145 14.52 -11.46 -12.76
N ALA B 146 13.31 -10.90 -12.70
CA ALA B 146 12.80 -10.16 -13.84
C ALA B 146 13.43 -8.77 -13.95
N ASN B 147 13.36 -7.99 -12.87
CA ASN B 147 14.03 -6.68 -12.84
C ASN B 147 15.49 -6.79 -13.17
N GLU B 148 16.09 -7.96 -12.91
CA GLU B 148 17.46 -8.22 -13.34
C GLU B 148 17.55 -8.22 -14.86
N VAL B 149 16.82 -9.13 -15.50
CA VAL B 149 16.84 -9.24 -16.96
C VAL B 149 16.39 -7.94 -17.60
N ALA B 150 15.50 -7.19 -16.94
CA ALA B 150 15.01 -5.95 -17.53
C ALA B 150 16.14 -4.94 -17.66
N LYS B 151 16.86 -4.68 -16.55
CA LYS B 151 17.96 -3.73 -16.61
C LYS B 151 19.01 -4.13 -17.65
N ASP B 152 19.31 -5.42 -17.76
CA ASP B 152 20.42 -5.85 -18.62
C ASP B 152 20.07 -5.76 -20.09
N THR B 153 18.83 -6.05 -20.46
CA THR B 153 18.45 -5.97 -21.87
C THR B 153 18.15 -4.53 -22.26
N SER B 154 17.66 -3.74 -21.32
CA SER B 154 17.39 -2.33 -21.59
C SER B 154 18.67 -1.58 -21.93
N GLN B 155 19.76 -1.80 -21.17
CA GLN B 155 20.97 -1.12 -21.60
C GLN B 155 21.64 -1.82 -22.78
N SER B 156 21.51 -3.15 -22.90
CA SER B 156 22.11 -3.86 -24.01
C SER B 156 21.62 -3.34 -25.35
N VAL B 157 20.31 -3.25 -25.51
CA VAL B 157 19.80 -2.88 -26.82
C VAL B 157 19.78 -1.36 -26.98
N ALA B 158 19.77 -0.62 -25.86
CA ALA B 158 19.96 0.82 -25.97
C ALA B 158 21.30 1.13 -26.64
N VAL B 159 22.41 0.73 -26.00
CA VAL B 159 23.74 1.03 -26.54
C VAL B 159 23.94 0.36 -27.89
N LYS B 160 23.38 -0.82 -28.11
CA LYS B 160 23.54 -1.47 -29.42
C LYS B 160 22.97 -0.58 -30.50
N ILE B 161 21.69 -0.22 -30.38
CA ILE B 161 21.12 0.59 -31.44
C ILE B 161 21.62 2.02 -31.34
N THR B 162 22.16 2.45 -30.19
CA THR B 162 22.76 3.79 -30.14
C THR B 162 23.99 3.87 -31.04
N GLU B 163 24.98 2.99 -30.81
CA GLU B 163 26.18 3.05 -31.63
C GLU B 163 25.83 2.91 -33.10
N GLN B 164 24.98 1.93 -33.46
CA GLN B 164 24.59 1.78 -34.86
C GLN B 164 23.94 3.06 -35.36
N GLN B 165 23.15 3.72 -34.50
CA GLN B 165 22.48 4.94 -34.90
C GLN B 165 23.47 6.04 -35.17
N THR B 166 24.25 6.41 -34.15
CA THR B 166 25.16 7.50 -34.36
C THR B 166 26.27 7.16 -35.35
N ALA B 167 26.59 5.86 -35.52
CA ALA B 167 27.49 5.47 -36.60
C ALA B 167 26.99 5.97 -37.95
N ALA B 168 25.70 5.82 -38.20
CA ALA B 168 25.12 6.21 -39.48
C ALA B 168 24.83 7.70 -39.55
N ILE B 169 24.67 8.36 -38.41
CA ILE B 169 24.55 9.80 -38.50
C ILE B 169 25.90 10.41 -38.81
N ASN B 170 26.97 9.86 -38.24
CA ASN B 170 28.29 10.36 -38.58
C ASN B 170 28.64 10.02 -40.03
N ALA B 171 28.27 8.82 -40.49
CA ALA B 171 28.48 8.47 -41.88
C ALA B 171 27.72 9.39 -42.82
N THR B 172 26.59 9.91 -42.38
CA THR B 172 25.83 10.85 -43.20
C THR B 172 26.45 12.25 -43.20
N TYR B 173 27.07 12.65 -42.09
CA TYR B 173 27.62 14.00 -41.99
C TYR B 173 28.75 14.20 -42.97
N THR B 174 29.60 13.18 -43.10
CA THR B 174 30.75 13.29 -44.00
C THR B 174 30.31 13.63 -45.43
N SER B 175 29.14 13.15 -45.85
CA SER B 175 28.61 13.47 -47.16
C SER B 175 27.74 14.74 -47.12
N ASP C 12 -29.15 12.73 4.72
CA ASP C 12 -28.59 11.59 5.42
C ASP C 12 -28.00 11.95 6.79
N LEU C 13 -27.23 13.05 6.87
CA LEU C 13 -26.68 13.12 8.22
C LEU C 13 -27.08 14.42 8.94
N PRO C 14 -27.33 14.32 10.25
CA PRO C 14 -28.03 15.38 10.97
C PRO C 14 -27.21 16.64 11.10
N ARG C 15 -27.89 17.79 11.17
CA ARG C 15 -27.02 18.95 11.28
C ARG C 15 -26.52 19.11 12.71
N PRO C 16 -25.33 19.68 12.89
CA PRO C 16 -24.69 19.67 14.22
C PRO C 16 -25.37 20.62 15.19
N SER C 17 -24.95 20.62 16.45
CA SER C 17 -25.44 21.59 17.43
C SER C 17 -24.26 22.29 18.06
N ILE C 18 -24.44 23.58 18.35
CA ILE C 18 -23.39 24.38 18.96
C ILE C 18 -23.88 24.93 20.30
N SER C 19 -22.99 24.95 21.29
CA SER C 19 -23.30 25.51 22.60
C SER C 19 -22.02 26.02 23.23
N ALA C 20 -22.18 26.85 24.25
CA ALA C 20 -21.08 27.49 24.95
C ALA C 20 -21.15 27.14 26.43
N GLU C 21 -19.97 27.14 27.06
CA GLU C 21 -19.87 26.74 28.45
C GLU C 21 -18.91 27.68 29.17
N PRO C 22 -19.32 28.30 30.28
CA PRO C 22 -20.56 28.03 31.02
C PRO C 22 -21.82 28.53 30.33
N GLY C 23 -21.73 29.62 29.59
CA GLY C 23 -22.90 30.17 28.94
C GLY C 23 -22.51 30.87 27.67
N THR C 24 -23.45 31.64 27.14
CA THR C 24 -23.13 32.48 26.00
C THR C 24 -22.77 33.90 26.42
N VAL C 25 -22.92 34.24 27.70
CA VAL C 25 -22.63 35.58 28.16
C VAL C 25 -21.47 35.52 29.15
N ILE C 26 -20.32 36.03 28.74
CA ILE C 26 -19.07 35.77 29.45
C ILE C 26 -18.29 37.07 29.64
N PRO C 27 -17.92 37.42 30.88
CA PRO C 27 -17.21 38.68 31.11
C PRO C 27 -15.86 38.76 30.40
N LEU C 28 -15.38 39.99 30.25
CA LEU C 28 -14.13 40.21 29.56
C LEU C 28 -12.98 39.52 30.30
N GLY C 29 -12.08 38.93 29.52
CA GLY C 29 -10.95 38.20 30.06
C GLY C 29 -11.26 36.79 30.52
N SER C 30 -12.53 36.44 30.73
CA SER C 30 -12.91 35.12 31.24
C SER C 30 -12.65 34.04 30.20
N HIS C 31 -13.09 32.83 30.49
CA HIS C 31 -12.92 31.70 29.59
C HIS C 31 -14.28 31.25 29.05
N VAL C 32 -14.26 30.58 27.89
CA VAL C 32 -15.44 29.95 27.30
C VAL C 32 -14.98 28.76 26.49
N THR C 33 -15.91 27.84 26.25
CA THR C 33 -15.62 26.54 25.65
C THR C 33 -16.77 26.18 24.71
N PHE C 34 -16.52 26.16 23.41
CA PHE C 34 -17.55 25.82 22.44
C PHE C 34 -17.60 24.33 22.26
N VAL C 35 -18.80 23.81 22.17
CA VAL C 35 -19.04 22.39 22.22
C VAL C 35 -19.80 22.07 20.95
N CYS C 36 -19.09 21.52 19.99
CA CYS C 36 -19.75 21.05 18.79
C CYS C 36 -20.16 19.63 19.04
N ARG C 37 -21.34 19.27 18.57
CA ARG C 37 -21.73 17.89 18.58
C ARG C 37 -22.55 17.54 17.37
N GLY C 38 -22.33 16.31 16.95
CA GLY C 38 -23.14 15.66 15.96
C GLY C 38 -23.17 14.20 16.26
N PRO C 39 -23.47 13.37 15.26
CA PRO C 39 -23.71 11.95 15.52
C PRO C 39 -22.47 11.15 15.86
N VAL C 40 -22.65 9.87 15.77
CA VAL C 40 -21.60 8.90 16.00
C VAL C 40 -20.72 8.84 14.75
N GLY C 41 -19.43 8.59 14.93
CA GLY C 41 -18.57 8.37 13.79
C GLY C 41 -18.14 9.63 13.06
N VAL C 42 -17.93 10.71 13.78
CA VAL C 42 -17.44 11.94 13.18
C VAL C 42 -15.92 11.92 13.24
N GLN C 43 -15.28 12.22 12.12
CA GLN C 43 -13.81 12.19 12.10
C GLN C 43 -13.23 13.51 12.60
N THR C 44 -13.67 14.62 12.01
CA THR C 44 -13.17 15.95 12.32
C THR C 44 -14.35 16.83 12.63
N PHE C 45 -14.19 17.66 13.66
CA PHE C 45 -15.09 18.78 13.92
C PHE C 45 -14.38 20.06 13.52
N ARG C 46 -15.15 21.01 12.99
CA ARG C 46 -14.62 22.32 12.66
C ARG C 46 -15.49 23.37 13.32
N LEU C 47 -14.88 24.21 14.13
CA LEU C 47 -15.52 25.39 14.68
C LEU C 47 -15.23 26.58 13.77
N GLU C 48 -16.28 27.20 13.23
CA GLU C 48 -16.15 28.27 12.25
C GLU C 48 -16.50 29.62 12.87
N ARG C 49 -15.63 30.60 12.68
CA ARG C 49 -15.92 32.03 12.84
C ARG C 49 -15.50 32.71 11.55
N GLU C 50 -16.47 33.14 10.74
CA GLU C 50 -16.14 33.56 9.38
C GLU C 50 -15.47 32.34 8.75
N SER C 51 -16.30 31.51 8.10
CA SER C 51 -15.91 30.16 7.68
C SER C 51 -14.76 30.13 6.66
N ARG C 52 -14.55 31.23 5.92
CA ARG C 52 -13.48 31.29 4.93
C ARG C 52 -12.10 31.48 5.58
N SER C 53 -11.98 32.35 6.57
CA SER C 53 -10.65 32.72 7.06
C SER C 53 -10.26 32.03 8.36
N THR C 54 -11.13 32.02 9.36
CA THR C 54 -10.78 31.63 10.72
C THR C 54 -11.69 30.49 11.20
N TYR C 55 -11.07 29.39 11.67
CA TYR C 55 -11.74 28.13 12.02
C TYR C 55 -10.69 27.22 12.66
N ASN C 56 -11.15 26.21 13.40
CA ASN C 56 -10.29 25.20 14.00
C ASN C 56 -10.85 23.80 13.79
N ASP C 57 -9.94 22.87 13.49
CA ASP C 57 -10.26 21.48 13.23
C ASP C 57 -9.66 20.62 14.33
N THR C 58 -10.47 19.73 14.91
CA THR C 58 -9.94 18.80 15.90
C THR C 58 -10.35 17.38 15.56
N GLU C 59 -9.43 16.47 15.92
CA GLU C 59 -9.61 15.03 15.87
C GLU C 59 -9.84 14.46 17.26
N ASP C 60 -9.65 15.29 18.29
CA ASP C 60 -9.90 14.95 19.70
C ASP C 60 -11.41 15.01 19.98
N VAL C 61 -12.13 14.05 19.37
CA VAL C 61 -13.57 13.90 19.52
C VAL C 61 -13.87 12.98 20.69
N SER C 62 -14.79 13.40 21.56
CA SER C 62 -15.28 12.67 22.72
C SER C 62 -16.71 12.20 22.50
N GLN C 63 -17.13 11.18 23.24
CA GLN C 63 -18.50 10.70 23.11
C GLN C 63 -19.33 11.08 24.32
N ALA C 64 -20.49 11.64 24.04
CA ALA C 64 -21.31 12.25 25.06
C ALA C 64 -22.61 11.49 25.30
N SER C 65 -22.87 10.43 24.54
CA SER C 65 -24.11 9.68 24.63
C SER C 65 -24.04 8.48 23.70
N PRO C 66 -24.84 7.46 23.89
CA PRO C 66 -24.91 6.38 22.90
C PRO C 66 -25.20 6.88 21.47
N SER C 67 -25.72 8.10 21.36
CA SER C 67 -26.29 8.58 20.10
C SER C 67 -25.44 9.63 19.42
N GLU C 68 -24.57 10.32 20.16
CA GLU C 68 -23.91 11.51 19.64
C GLU C 68 -22.49 11.56 20.18
N SER C 69 -21.70 12.44 19.56
CA SER C 69 -20.33 12.73 19.95
C SER C 69 -20.10 14.24 19.88
N GLU C 70 -19.03 14.67 20.52
CA GLU C 70 -18.83 16.08 20.79
C GLU C 70 -17.34 16.38 20.79
N ALA C 71 -16.96 17.52 20.23
CA ALA C 71 -15.63 18.04 20.46
C ALA C 71 -15.74 19.41 21.10
N ARG C 72 -14.66 19.82 21.76
CA ARG C 72 -14.70 21.01 22.62
C ARG C 72 -13.52 21.89 22.27
N PHE C 73 -13.78 23.18 22.04
CA PHE C 73 -12.76 24.18 21.75
C PHE C 73 -12.86 25.28 22.79
N ARG C 74 -11.71 25.83 23.21
CA ARG C 74 -11.65 26.71 24.37
C ARG C 74 -10.75 27.92 24.17
N ILE C 75 -11.20 29.11 24.56
CA ILE C 75 -10.35 30.29 24.60
C ILE C 75 -10.14 30.70 26.05
N ASP C 76 -8.89 30.99 26.40
CA ASP C 76 -8.50 31.28 27.78
C ASP C 76 -9.00 32.65 28.21
N SER C 77 -8.45 33.72 27.62
CA SER C 77 -8.82 35.09 27.98
C SER C 77 -9.61 35.67 26.83
N VAL C 78 -10.91 35.82 27.03
CA VAL C 78 -11.80 36.26 25.98
C VAL C 78 -11.70 37.77 25.80
N SER C 79 -11.38 38.20 24.59
CA SER C 79 -11.45 39.60 24.20
C SER C 79 -12.85 39.90 23.67
N GLU C 80 -13.22 41.19 23.74
CA GLU C 80 -14.46 41.60 23.09
C GLU C 80 -14.38 41.42 21.58
N GLY C 81 -13.16 41.37 21.03
CA GLY C 81 -13.00 40.83 19.71
C GLY C 81 -13.65 39.47 19.58
N ASN C 82 -13.49 38.62 20.58
CA ASN C 82 -13.98 37.25 20.44
C ASN C 82 -15.49 37.15 20.43
N ALA C 83 -16.22 38.24 20.70
CA ALA C 83 -17.69 38.19 20.70
C ALA C 83 -18.22 37.85 19.32
N GLY C 84 -19.53 37.71 19.22
CA GLY C 84 -20.17 37.53 17.93
C GLY C 84 -20.51 36.11 17.56
N PRO C 85 -20.48 35.80 16.27
CA PRO C 85 -21.03 34.52 15.78
C PRO C 85 -20.00 33.40 15.73
N TYR C 86 -20.52 32.19 15.58
CA TYR C 86 -19.76 30.94 15.52
C TYR C 86 -20.72 29.86 15.03
N ARG C 87 -20.20 28.86 14.32
CA ARG C 87 -21.03 27.72 13.95
C ARG C 87 -20.17 26.47 13.95
N CYS C 88 -20.83 25.32 13.77
CA CYS C 88 -20.16 24.03 13.76
C CYS C 88 -20.33 23.39 12.40
N ILE C 89 -19.35 22.57 12.06
CA ILE C 89 -19.47 21.60 10.99
C ILE C 89 -18.72 20.35 11.43
N TYR C 90 -19.21 19.21 11.01
CA TYR C 90 -18.43 18.01 11.22
C TYR C 90 -18.22 17.30 9.89
N TYR C 91 -17.05 16.68 9.76
CA TYR C 91 -16.74 15.94 8.55
C TYR C 91 -16.88 14.48 8.89
N LYS C 92 -17.89 13.86 8.30
CA LYS C 92 -18.00 12.41 8.40
C LYS C 92 -17.74 11.87 7.03
N PRO C 93 -16.60 11.20 6.82
CA PRO C 93 -16.18 10.78 5.46
C PRO C 93 -17.32 10.14 4.71
N PRO C 94 -17.46 10.46 3.42
CA PRO C 94 -16.52 11.34 2.71
C PRO C 94 -16.99 12.80 2.61
N LYS C 95 -18.05 13.18 3.32
CA LYS C 95 -18.72 14.46 3.08
C LYS C 95 -18.89 15.25 4.37
N TRP C 96 -19.02 16.56 4.19
CA TRP C 96 -19.34 17.47 5.28
C TRP C 96 -20.83 17.53 5.53
N SER C 97 -21.17 17.84 6.77
CA SER C 97 -22.53 18.12 7.21
C SER C 97 -22.97 19.50 6.75
N GLU C 98 -24.28 19.73 6.77
CA GLU C 98 -24.75 21.10 6.67
C GLU C 98 -24.31 21.89 7.89
N GLN C 99 -24.48 23.21 7.83
CA GLN C 99 -23.94 24.10 8.86
C GLN C 99 -24.95 24.34 9.96
N SER C 100 -24.50 24.17 11.21
CA SER C 100 -25.37 24.31 12.39
C SER C 100 -25.98 25.71 12.50
N ASP C 101 -26.80 25.95 13.52
CA ASP C 101 -27.37 27.29 13.71
C ASP C 101 -26.38 28.17 14.44
N TYR C 102 -26.54 29.47 14.22
CA TYR C 102 -25.54 30.39 14.76
C TYR C 102 -25.63 30.43 16.28
N LEU C 103 -24.47 30.45 16.92
CA LEU C 103 -24.35 30.78 18.33
C LEU C 103 -23.74 32.17 18.44
N GLU C 104 -24.37 33.04 19.21
CA GLU C 104 -23.85 34.39 19.47
C GLU C 104 -23.25 34.45 20.86
N LEU C 105 -21.95 34.61 20.93
CA LEU C 105 -21.27 34.85 22.20
C LEU C 105 -21.32 36.33 22.53
N LEU C 106 -21.72 36.68 23.76
CA LEU C 106 -21.81 38.07 24.18
C LEU C 106 -20.81 38.37 25.28
N VAL C 107 -20.07 39.46 25.13
CA VAL C 107 -19.00 39.83 26.04
C VAL C 107 -19.20 41.27 26.45
N LYS C 108 -19.35 41.49 27.76
CA LYS C 108 -19.59 42.82 28.28
C LYS C 108 -18.27 43.57 28.40
N GLU C 109 -18.29 44.84 28.00
CA GLU C 109 -17.15 45.72 28.24
C GLU C 109 -16.94 45.90 29.74
N ASP D 12 1.08 -23.41 28.19
CA ASP D 12 0.23 -22.31 27.76
C ASP D 12 -1.05 -22.83 27.10
N LEU D 13 -0.90 -23.89 26.30
CA LEU D 13 -1.96 -24.34 25.39
C LEU D 13 -2.66 -25.56 25.95
N PRO D 14 -3.98 -25.55 26.02
CA PRO D 14 -4.73 -26.74 26.45
C PRO D 14 -4.98 -27.71 25.30
N ARG D 15 -4.79 -29.00 25.60
CA ARG D 15 -5.04 -30.03 24.60
C ARG D 15 -6.52 -30.03 24.20
N PRO D 16 -6.81 -30.33 22.94
CA PRO D 16 -8.20 -30.30 22.48
C PRO D 16 -8.92 -31.62 22.71
N SER D 17 -10.12 -31.73 22.15
CA SER D 17 -10.96 -32.90 22.34
C SER D 17 -11.70 -33.17 21.05
N ILE D 18 -11.83 -34.45 20.71
CA ILE D 18 -12.48 -34.88 19.49
C ILE D 18 -13.56 -35.89 19.86
N SER D 19 -14.81 -35.61 19.48
CA SER D 19 -15.85 -36.63 19.50
C SER D 19 -16.75 -36.39 18.30
N ALA D 20 -17.72 -37.29 18.11
CA ALA D 20 -18.51 -37.32 16.89
C ALA D 20 -19.99 -37.55 17.18
N GLU D 21 -20.83 -37.07 16.27
CA GLU D 21 -22.28 -37.18 16.33
C GLU D 21 -22.80 -37.82 15.04
N PRO D 22 -23.66 -38.85 15.10
CA PRO D 22 -24.35 -39.46 16.26
C PRO D 22 -23.42 -40.08 17.31
N GLY D 23 -22.38 -40.78 16.86
CA GLY D 23 -21.40 -41.33 17.77
C GLY D 23 -20.15 -41.84 17.09
N THR D 24 -19.58 -42.92 17.61
CA THR D 24 -18.40 -43.54 17.04
C THR D 24 -18.74 -44.73 16.15
N VAL D 25 -19.86 -45.39 16.40
CA VAL D 25 -20.36 -46.46 15.53
C VAL D 25 -21.35 -45.85 14.53
N ILE D 26 -21.09 -46.04 13.23
CA ILE D 26 -22.00 -45.54 12.21
C ILE D 26 -21.99 -46.49 11.00
N PRO D 27 -23.16 -46.90 10.49
CA PRO D 27 -23.17 -47.82 9.33
C PRO D 27 -22.70 -47.11 8.07
N LEU D 28 -22.44 -47.93 7.02
CA LEU D 28 -21.93 -47.40 5.76
C LEU D 28 -23.04 -46.70 4.99
N GLY D 29 -22.72 -45.55 4.41
CA GLY D 29 -23.69 -44.68 3.81
C GLY D 29 -24.12 -43.53 4.68
N SER D 30 -24.01 -43.66 6.00
CA SER D 30 -24.49 -42.62 6.89
C SER D 30 -23.46 -41.49 7.00
N HIS D 31 -23.86 -40.44 7.71
CA HIS D 31 -23.06 -39.24 7.96
C HIS D 31 -22.45 -39.29 9.35
N VAL D 32 -21.45 -38.44 9.61
CA VAL D 32 -21.01 -38.21 10.98
C VAL D 32 -20.14 -36.96 11.03
N THR D 33 -20.40 -36.15 12.06
CA THR D 33 -19.85 -34.81 12.29
C THR D 33 -18.73 -34.89 13.32
N PHE D 34 -17.49 -34.68 12.92
CA PHE D 34 -16.43 -34.60 13.91
C PHE D 34 -16.44 -33.20 14.51
N VAL D 35 -16.25 -33.12 15.82
CA VAL D 35 -16.20 -31.84 16.49
C VAL D 35 -14.97 -31.81 17.36
N CYS D 36 -14.06 -30.89 17.10
CA CYS D 36 -13.07 -30.53 18.10
C CYS D 36 -13.46 -29.24 18.79
N ARG D 37 -13.13 -29.21 20.06
CA ARG D 37 -13.38 -28.09 20.94
C ARG D 37 -12.08 -27.80 21.69
N GLY D 38 -11.70 -26.53 21.71
CA GLY D 38 -10.58 -26.07 22.48
C GLY D 38 -10.92 -24.69 23.00
N PRO D 39 -9.94 -23.98 23.54
CA PRO D 39 -10.23 -22.70 24.19
C PRO D 39 -10.85 -21.67 23.26
N VAL D 40 -11.09 -20.50 23.80
CA VAL D 40 -11.73 -19.43 23.04
C VAL D 40 -10.66 -18.64 22.31
N GLY D 41 -11.00 -18.19 21.09
CA GLY D 41 -10.16 -17.28 20.36
C GLY D 41 -9.34 -17.84 19.23
N VAL D 42 -9.56 -19.09 18.86
CA VAL D 42 -8.62 -19.79 18.00
C VAL D 42 -8.90 -19.50 16.52
N GLN D 43 -7.83 -19.39 15.73
CA GLN D 43 -7.91 -19.14 14.28
C GLN D 43 -8.62 -20.28 13.55
N THR D 44 -7.99 -21.45 13.53
CA THR D 44 -8.27 -22.52 12.60
C THR D 44 -8.19 -23.83 13.35
N PHE D 45 -9.23 -24.65 13.18
CA PHE D 45 -9.24 -26.00 13.70
C PHE D 45 -8.88 -26.93 12.55
N ARG D 46 -8.00 -27.87 12.82
CA ARG D 46 -7.61 -28.86 11.83
C ARG D 46 -7.90 -30.25 12.38
N LEU D 47 -8.56 -31.08 11.59
CA LEU D 47 -8.58 -32.49 11.90
C LEU D 47 -7.83 -33.23 10.80
N GLU D 48 -7.14 -34.27 11.24
CA GLU D 48 -6.09 -34.94 10.49
C GLU D 48 -6.31 -36.44 10.56
N ARG D 49 -6.70 -37.04 9.45
CA ARG D 49 -6.52 -38.48 9.28
C ARG D 49 -5.18 -38.70 8.61
N GLU D 50 -4.25 -39.38 9.29
CA GLU D 50 -2.87 -39.48 8.81
C GLU D 50 -2.29 -38.08 8.65
N SER D 51 -1.86 -37.50 9.77
CA SER D 51 -1.45 -36.11 9.91
C SER D 51 -0.51 -35.59 8.84
N ARG D 52 0.39 -36.43 8.36
CA ARG D 52 1.34 -35.95 7.37
C ARG D 52 0.67 -35.68 6.03
N SER D 53 -0.43 -36.38 5.73
CA SER D 53 -0.94 -36.45 4.37
C SER D 53 -2.31 -35.80 4.20
N THR D 54 -3.29 -36.22 4.97
CA THR D 54 -4.69 -35.89 4.70
C THR D 54 -5.31 -35.22 5.92
N TYR D 55 -6.01 -34.12 5.70
CA TYR D 55 -6.58 -33.32 6.77
C TYR D 55 -7.46 -32.27 6.11
N ASN D 56 -8.41 -31.76 6.89
CA ASN D 56 -9.20 -30.64 6.45
C ASN D 56 -9.02 -29.47 7.40
N ASP D 57 -9.04 -28.28 6.82
CA ASP D 57 -8.94 -27.04 7.58
C ASP D 57 -10.21 -26.23 7.37
N THR D 58 -10.54 -25.48 8.41
CA THR D 58 -11.58 -24.47 8.36
C THR D 58 -11.47 -23.64 9.62
N GLU D 59 -11.89 -22.38 9.50
CA GLU D 59 -11.81 -21.38 10.54
C GLU D 59 -13.19 -20.93 10.98
N ASP D 60 -14.24 -21.55 10.46
CA ASP D 60 -15.60 -21.36 10.94
C ASP D 60 -15.68 -21.81 12.40
N VAL D 61 -15.35 -20.92 13.33
CA VAL D 61 -15.23 -21.22 14.76
C VAL D 61 -16.44 -20.60 15.46
N SER D 62 -17.46 -21.42 15.73
CA SER D 62 -18.63 -20.99 16.48
C SER D 62 -18.45 -21.37 17.94
N GLN D 63 -18.57 -20.41 18.85
CA GLN D 63 -18.32 -20.67 20.25
C GLN D 63 -19.63 -20.87 21.03
N ALA D 64 -19.61 -21.80 22.01
CA ALA D 64 -20.83 -22.14 22.76
C ALA D 64 -20.78 -21.89 24.27
N SER D 65 -19.61 -21.66 24.86
CA SER D 65 -19.47 -21.47 26.29
C SER D 65 -18.43 -20.39 26.56
N PRO D 66 -18.55 -19.65 27.68
CA PRO D 66 -17.70 -18.46 27.88
C PRO D 66 -16.21 -18.64 27.59
N SER D 67 -15.64 -19.84 27.69
CA SER D 67 -14.18 -20.00 27.63
C SER D 67 -13.74 -21.21 26.81
N GLU D 68 -14.41 -21.50 25.70
CA GLU D 68 -14.03 -22.61 24.83
C GLU D 68 -14.73 -22.45 23.48
N SER D 69 -14.15 -23.04 22.41
CA SER D 69 -14.63 -22.81 21.05
C SER D 69 -14.62 -24.11 20.23
N GLU D 70 -15.48 -24.20 19.21
CA GLU D 70 -15.61 -25.44 18.44
C GLU D 70 -15.62 -25.17 16.94
N ALA D 71 -15.39 -26.27 16.21
CA ALA D 71 -15.58 -26.35 14.76
C ALA D 71 -16.02 -27.76 14.43
N ARG D 72 -16.75 -27.91 13.34
CA ARG D 72 -17.28 -29.20 12.94
C ARG D 72 -16.95 -29.48 11.49
N PHE D 73 -16.62 -30.74 11.23
CA PHE D 73 -16.35 -31.24 9.89
C PHE D 73 -17.14 -32.51 9.74
N ARG D 74 -17.61 -32.78 8.53
CA ARG D 74 -18.33 -34.02 8.36
C ARG D 74 -18.39 -34.34 6.88
N ILE D 75 -18.36 -35.61 6.57
CA ILE D 75 -18.66 -36.03 5.22
C ILE D 75 -19.94 -36.82 5.26
N ASP D 76 -20.60 -36.90 4.10
CA ASP D 76 -22.00 -37.30 4.04
C ASP D 76 -22.15 -38.81 3.97
N SER D 77 -21.56 -39.45 2.96
CA SER D 77 -21.66 -40.90 2.77
C SER D 77 -20.31 -41.51 3.13
N VAL D 78 -20.25 -42.24 4.22
CA VAL D 78 -19.01 -42.83 4.70
C VAL D 78 -18.83 -44.20 4.06
N SER D 79 -17.61 -44.48 3.59
CA SER D 79 -17.21 -45.82 3.20
C SER D 79 -16.44 -46.45 4.36
N GLU D 80 -16.21 -47.75 4.27
CA GLU D 80 -15.51 -48.43 5.36
C GLU D 80 -14.03 -48.09 5.39
N GLY D 81 -13.47 -47.57 4.28
CA GLY D 81 -12.09 -47.11 4.27
C GLY D 81 -11.85 -45.90 5.14
N ASN D 82 -12.92 -45.18 5.50
CA ASN D 82 -12.83 -44.04 6.40
C ASN D 82 -12.92 -44.44 7.87
N ALA D 83 -13.07 -45.73 8.18
CA ALA D 83 -12.92 -46.18 9.55
C ALA D 83 -11.47 -45.99 10.00
N GLY D 84 -11.28 -45.90 11.31
CA GLY D 84 -9.94 -45.82 11.83
C GLY D 84 -9.67 -44.59 12.67
N PRO D 85 -8.44 -44.10 12.64
CA PRO D 85 -8.03 -43.03 13.57
C PRO D 85 -8.30 -41.65 12.99
N TYR D 86 -8.81 -40.77 13.85
CA TYR D 86 -8.93 -39.35 13.55
C TYR D 86 -8.56 -38.56 14.79
N ARG D 87 -8.08 -37.34 14.57
CA ARG D 87 -7.70 -36.51 15.70
C ARG D 87 -7.66 -35.04 15.30
N CYS D 88 -7.69 -34.16 16.31
CA CYS D 88 -7.80 -32.74 16.05
C CYS D 88 -6.58 -32.00 16.55
N ILE D 89 -6.40 -30.81 16.00
CA ILE D 89 -5.41 -29.88 16.51
C ILE D 89 -5.80 -28.49 16.03
N TYR D 90 -5.56 -27.51 16.89
CA TYR D 90 -5.85 -26.12 16.58
C TYR D 90 -4.56 -25.32 16.69
N TYR D 91 -4.57 -24.11 16.11
CA TYR D 91 -3.44 -23.20 16.20
C TYR D 91 -3.95 -21.77 16.44
N LYS D 92 -3.62 -21.23 17.62
CA LYS D 92 -3.77 -19.84 18.05
C LYS D 92 -2.43 -19.12 17.99
N PRO D 93 -2.27 -18.02 17.23
CA PRO D 93 -0.90 -17.51 16.99
C PRO D 93 -0.24 -17.21 18.32
N PRO D 94 1.09 -17.38 18.43
CA PRO D 94 1.88 -17.78 17.27
C PRO D 94 2.08 -19.27 17.11
N LYS D 95 1.58 -20.09 18.05
CA LYS D 95 1.97 -21.49 18.15
C LYS D 95 0.77 -22.42 18.03
N TRP D 96 1.00 -23.60 17.43
CA TRP D 96 0.01 -24.67 17.38
C TRP D 96 -0.11 -25.32 18.75
N SER D 97 -1.05 -26.26 18.87
CA SER D 97 -1.33 -26.93 20.12
C SER D 97 -0.82 -28.35 20.09
N GLU D 98 -0.89 -28.99 21.26
CA GLU D 98 -0.73 -30.44 21.30
C GLU D 98 -1.93 -31.09 20.62
N GLN D 99 -1.70 -32.30 20.15
CA GLN D 99 -2.70 -33.05 19.42
C GLN D 99 -3.44 -33.96 20.41
N SER D 100 -4.78 -33.94 20.37
CA SER D 100 -5.64 -34.63 21.33
C SER D 100 -5.62 -36.15 21.11
N ASP D 101 -6.30 -36.88 22.00
CA ASP D 101 -6.29 -38.33 21.92
C ASP D 101 -6.92 -38.81 20.61
N TYR D 102 -6.64 -40.06 20.26
CA TYR D 102 -7.20 -40.61 19.04
C TYR D 102 -8.70 -40.87 19.21
N LEU D 103 -9.41 -40.86 18.09
CA LEU D 103 -10.83 -41.19 18.07
C LEU D 103 -11.07 -42.21 16.97
N GLU D 104 -11.36 -43.45 17.35
CA GLU D 104 -11.39 -44.58 16.43
C GLU D 104 -12.83 -44.83 16.01
N LEU D 105 -13.20 -44.46 14.79
CA LEU D 105 -14.58 -44.70 14.37
C LEU D 105 -14.69 -45.99 13.58
N LEU D 106 -15.79 -46.70 13.78
CA LEU D 106 -16.04 -48.04 13.26
C LEU D 106 -17.01 -48.00 12.09
N VAL D 107 -17.09 -49.10 11.33
CA VAL D 107 -18.00 -49.19 10.19
C VAL D 107 -18.76 -50.50 10.24
N LYS D 108 -20.05 -50.43 9.88
CA LYS D 108 -20.91 -51.60 9.82
C LYS D 108 -21.58 -51.67 8.44
#